data_1AEB
#
_entry.id   1AEB
#
_cell.length_a   108.000
_cell.length_b   77.300
_cell.length_c   51.800
_cell.angle_alpha   90.00
_cell.angle_beta   90.00
_cell.angle_gamma   90.00
#
_symmetry.space_group_name_H-M   'P 21 21 21'
#
loop_
_entity.id
_entity.type
_entity.pdbx_description
1 polymer 'CYTOCHROME C PEROXIDASE'
2 non-polymer 'PROTOPORPHYRIN IX CONTAINING FE'
3 non-polymer '3-METHYLTHIAZOLIUM ION'
4 water water
#
_entity_poly.entity_id   1
_entity_poly.type   'polypeptide(L)'
_entity_poly.pdbx_seq_one_letter_code
;MKTLVHVASVEKGRSYEDFQKVYNAIALKLREDDEYDNYIGYGPVLVRLAWHISGTWDKHDNTGGSYGGTYRFKKEFNDP
SNAGLQNGFKFLEPIHKEFPWISSGDLFSLGGVTAVQEMQGPKIPWRCGRVDTPEDTTPDNGRLPDADKDAGYVRTFFQR
LNMNDREVVALMGAHALGKTHLKNSGYEGPGGAANNVFTNEFYLNLLNEDWKLEKNDANNEQWDSKSGYMMLPTDYSLIQ
DPKYLSIVKEYANDQDKFFKDFSKAFEKLLEDGITFPKDAPSPFIFKTLEEQGL
;
_entity_poly.pdbx_strand_id   A
#
loop_
_chem_comp.id
_chem_comp.type
_chem_comp.name
_chem_comp.formula
3MT non-polymer '3-METHYLTHIAZOLIUM ION' 'C4 H6 N S 1'
HEM non-polymer 'PROTOPORPHYRIN IX CONTAINING FE' 'C34 H32 Fe N4 O4'
#
# COMPACT_ATOMS: atom_id res chain seq x y z
N LEU A 4 -4.98 -6.89 -23.42
CA LEU A 4 -5.07 -7.83 -22.30
C LEU A 4 -6.33 -7.72 -21.46
N VAL A 5 -7.18 -8.74 -21.42
CA VAL A 5 -8.38 -8.65 -20.58
C VAL A 5 -8.22 -9.61 -19.42
N HIS A 6 -8.58 -9.14 -18.24
CA HIS A 6 -8.44 -9.93 -17.04
C HIS A 6 -9.76 -9.95 -16.32
N VAL A 7 -10.44 -11.09 -16.41
CA VAL A 7 -11.75 -11.16 -15.80
C VAL A 7 -11.72 -11.83 -14.43
N ALA A 8 -12.27 -11.11 -13.47
CA ALA A 8 -12.41 -11.61 -12.12
C ALA A 8 -13.26 -12.88 -12.02
N SER A 9 -12.73 -13.95 -11.44
CA SER A 9 -13.42 -15.23 -11.26
C SER A 9 -13.49 -15.63 -9.79
N VAL A 10 -14.65 -15.55 -9.11
CA VAL A 10 -14.73 -15.89 -7.69
C VAL A 10 -14.26 -17.32 -7.44
N GLU A 11 -13.36 -17.48 -6.47
CA GLU A 11 -12.90 -18.81 -6.02
C GLU A 11 -14.10 -19.75 -5.79
N LYS A 12 -14.06 -21.00 -6.27
CA LYS A 12 -15.28 -21.81 -6.28
C LYS A 12 -16.07 -22.00 -5.00
N GLY A 13 -17.28 -21.52 -5.11
CA GLY A 13 -18.26 -21.65 -4.03
C GLY A 13 -17.98 -20.77 -2.83
N ARG A 14 -16.94 -19.95 -2.86
CA ARG A 14 -16.67 -19.04 -1.74
C ARG A 14 -17.59 -17.82 -1.68
N SER A 15 -17.90 -17.31 -0.51
CA SER A 15 -18.71 -16.10 -0.33
C SER A 15 -18.14 -15.20 0.79
N TYR A 16 -18.82 -14.14 1.22
CA TYR A 16 -18.35 -13.27 2.27
C TYR A 16 -17.74 -13.90 3.52
N GLU A 17 -18.40 -14.90 4.06
CA GLU A 17 -17.95 -15.54 5.31
C GLU A 17 -16.58 -16.19 5.22
N ASP A 18 -16.23 -16.73 4.05
CA ASP A 18 -14.93 -17.36 3.82
C ASP A 18 -13.80 -16.35 3.88
N PHE A 19 -14.00 -15.23 3.21
CA PHE A 19 -13.00 -14.15 3.17
C PHE A 19 -12.90 -13.43 4.51
N GLN A 20 -14.01 -13.29 5.24
CA GLN A 20 -13.97 -12.73 6.58
C GLN A 20 -13.17 -13.66 7.49
N LYS A 21 -13.18 -14.98 7.25
CA LYS A 21 -12.30 -15.88 7.99
C LYS A 21 -10.82 -15.64 7.67
N VAL A 22 -10.47 -15.43 6.40
CA VAL A 22 -9.10 -15.08 6.02
C VAL A 22 -8.69 -13.71 6.61
N TYR A 23 -9.51 -12.66 6.50
CA TYR A 23 -9.32 -11.39 7.20
C TYR A 23 -8.96 -11.59 8.69
N ASN A 24 -9.85 -12.26 9.44
CA ASN A 24 -9.63 -12.51 10.85
C ASN A 24 -8.34 -13.24 11.13
N ALA A 25 -7.94 -14.18 10.29
CA ALA A 25 -6.66 -14.85 10.46
C ALA A 25 -5.45 -13.91 10.37
N ILE A 26 -5.42 -13.07 9.32
CA ILE A 26 -4.38 -12.04 9.14
C ILE A 26 -4.37 -11.07 10.34
N ALA A 27 -5.54 -10.55 10.72
CA ALA A 27 -5.71 -9.63 11.83
C ALA A 27 -5.33 -10.16 13.19
N LEU A 28 -5.57 -11.45 13.41
CA LEU A 28 -5.16 -12.13 14.63
C LEU A 28 -3.66 -12.30 14.67
N LYS A 29 -3.05 -12.61 13.52
CA LYS A 29 -1.59 -12.72 13.50
C LYS A 29 -0.91 -11.33 13.59
N LEU A 30 -1.52 -10.24 13.08
CA LEU A 30 -1.00 -8.88 13.26
C LEU A 30 -0.92 -8.47 14.73
N ARG A 31 -1.87 -8.92 15.52
CA ARG A 31 -1.91 -8.70 16.96
C ARG A 31 -0.86 -9.56 17.71
N GLU A 32 -0.73 -10.80 17.27
CA GLU A 32 0.22 -11.75 17.85
C GLU A 32 1.68 -11.43 17.55
N ASP A 33 2.07 -11.25 16.29
CA ASP A 33 3.45 -10.92 15.96
C ASP A 33 3.78 -9.42 16.00
N ASP A 34 3.61 -8.83 17.17
CA ASP A 34 3.78 -7.40 17.43
C ASP A 34 5.18 -6.80 17.61
N GLU A 35 6.15 -7.67 17.82
CA GLU A 35 7.53 -7.28 18.04
C GLU A 35 8.33 -6.86 16.81
N TYR A 36 7.86 -7.31 15.64
CA TYR A 36 8.49 -6.99 14.37
C TYR A 36 8.88 -5.51 14.14
N ASP A 37 10.11 -5.26 13.66
CA ASP A 37 10.60 -3.90 13.38
C ASP A 37 10.47 -2.94 14.56
N ASN A 38 11.10 -3.36 15.67
CA ASN A 38 11.03 -2.64 16.93
C ASN A 38 9.68 -2.17 17.38
N TYR A 39 8.82 -3.17 17.44
CA TYR A 39 7.43 -3.04 17.84
C TYR A 39 6.52 -2.20 16.98
N ILE A 40 6.90 -1.93 15.72
CA ILE A 40 5.94 -1.32 14.79
C ILE A 40 4.87 -2.35 14.40
N GLY A 41 5.32 -3.59 14.26
CA GLY A 41 4.48 -4.69 13.84
C GLY A 41 4.41 -4.79 12.32
N TYR A 42 3.75 -5.80 11.77
CA TYR A 42 3.64 -6.02 10.33
C TYR A 42 2.71 -5.22 9.49
N GLY A 43 1.80 -4.44 10.06
CA GLY A 43 0.84 -3.67 9.27
C GLY A 43 1.43 -2.78 8.17
N PRO A 44 2.35 -1.86 8.43
CA PRO A 44 2.92 -0.98 7.38
C PRO A 44 3.57 -1.78 6.23
N VAL A 45 4.43 -2.79 6.44
CA VAL A 45 4.99 -3.57 5.33
C VAL A 45 3.90 -4.30 4.54
N LEU A 46 2.78 -4.66 5.17
CA LEU A 46 1.69 -5.29 4.42
C LEU A 46 0.96 -4.26 3.58
N VAL A 47 0.75 -2.99 4.00
CA VAL A 47 0.11 -2.10 3.01
C VAL A 47 1.15 -1.73 1.92
N ARG A 48 2.45 -1.72 2.21
CA ARG A 48 3.44 -1.50 1.16
C ARG A 48 3.46 -2.65 0.13
N LEU A 49 3.34 -3.90 0.59
CA LEU A 49 3.26 -5.06 -0.31
C LEU A 49 2.02 -4.95 -1.22
N ALA A 50 0.85 -4.61 -0.69
CA ALA A 50 -0.33 -4.49 -1.53
C ALA A 50 -0.17 -3.36 -2.56
N TRP A 51 0.51 -2.25 -2.21
CA TRP A 51 0.77 -1.18 -3.17
C TRP A 51 1.78 -1.61 -4.24
N HIS A 52 2.90 -2.25 -3.92
CA HIS A 52 3.86 -2.70 -4.93
C HIS A 52 3.36 -3.82 -5.84
N ILE A 53 2.48 -4.75 -5.44
CA ILE A 53 1.97 -5.72 -6.41
C ILE A 53 0.94 -5.04 -7.32
N SER A 54 0.30 -3.95 -6.93
CA SER A 54 -0.63 -3.21 -7.80
C SER A 54 0.04 -2.15 -8.66
N GLY A 55 1.11 -1.57 -8.13
CA GLY A 55 1.83 -0.45 -8.73
C GLY A 55 2.56 -0.77 -10.03
N THR A 56 2.65 -2.05 -10.40
CA THR A 56 3.23 -2.45 -11.68
C THR A 56 2.28 -2.29 -12.85
N TRP A 57 1.04 -1.91 -12.61
CA TRP A 57 0.08 -1.83 -13.69
C TRP A 57 0.44 -0.78 -14.71
N ASP A 58 0.14 -1.06 -15.96
CA ASP A 58 0.25 -0.05 -16.98
C ASP A 58 -1.07 0.09 -17.72
N LYS A 59 -1.77 1.22 -17.59
CA LYS A 59 -3.04 1.47 -18.26
C LYS A 59 -3.09 1.32 -19.78
N HIS A 60 -1.92 1.42 -20.40
CA HIS A 60 -1.83 1.38 -21.87
C HIS A 60 -2.01 -0.02 -22.46
N ASP A 61 -1.46 -1.05 -21.84
CA ASP A 61 -1.61 -2.43 -22.34
C ASP A 61 -2.18 -3.41 -21.32
N ASN A 62 -2.64 -2.90 -20.18
CA ASN A 62 -3.19 -3.66 -19.06
C ASN A 62 -2.31 -4.77 -18.51
N THR A 63 -1.00 -4.62 -18.67
CA THR A 63 -0.03 -5.54 -18.05
C THR A 63 0.32 -5.12 -16.60
N GLY A 64 0.90 -6.00 -15.80
CA GLY A 64 1.12 -5.73 -14.39
C GLY A 64 -0.18 -5.70 -13.57
N GLY A 65 -0.15 -5.07 -12.40
CA GLY A 65 -1.37 -4.98 -11.60
C GLY A 65 -1.51 -6.16 -10.66
N SER A 66 -2.48 -6.03 -9.75
CA SER A 66 -2.67 -7.06 -8.72
C SER A 66 -3.30 -8.40 -9.12
N TYR A 67 -4.00 -8.46 -10.25
CA TYR A 67 -4.69 -9.65 -10.74
C TYR A 67 -3.91 -10.97 -10.73
N GLY A 68 -2.74 -11.02 -11.31
CA GLY A 68 -2.02 -12.26 -11.50
C GLY A 68 -1.24 -12.84 -10.33
N GLY A 69 -1.02 -12.09 -9.26
CA GLY A 69 -0.25 -12.59 -8.13
C GLY A 69 1.18 -12.96 -8.43
N THR A 70 1.73 -12.28 -9.42
CA THR A 70 3.06 -12.60 -9.97
C THR A 70 4.29 -12.28 -9.15
N TYR A 71 4.08 -11.59 -8.01
CA TYR A 71 5.13 -11.37 -7.00
C TYR A 71 5.66 -12.70 -6.41
N ARG A 72 4.87 -13.79 -6.49
CA ARG A 72 5.35 -15.11 -6.08
C ARG A 72 6.51 -15.62 -7.00
N PHE A 73 6.70 -15.04 -8.19
CA PHE A 73 7.82 -15.40 -9.08
C PHE A 73 9.11 -14.64 -8.84
N LYS A 74 10.26 -15.32 -8.95
CA LYS A 74 11.60 -14.75 -8.69
C LYS A 74 11.91 -13.35 -9.28
N LYS A 75 11.55 -13.10 -10.55
CA LYS A 75 11.76 -11.81 -11.19
C LYS A 75 11.13 -10.65 -10.41
N GLU A 76 9.87 -10.75 -10.04
CA GLU A 76 9.24 -9.71 -9.26
C GLU A 76 9.65 -9.78 -7.80
N PHE A 77 9.84 -10.95 -7.21
CA PHE A 77 10.26 -11.06 -5.81
C PHE A 77 11.65 -10.45 -5.53
N ASN A 78 12.49 -10.57 -6.54
CA ASN A 78 13.84 -10.05 -6.51
C ASN A 78 14.05 -8.67 -7.14
N ASP A 79 12.98 -7.98 -7.51
CA ASP A 79 13.07 -6.59 -7.93
C ASP A 79 13.75 -5.79 -6.80
N PRO A 80 14.80 -5.00 -7.04
CA PRO A 80 15.46 -4.15 -6.01
C PRO A 80 14.48 -3.20 -5.33
N SER A 81 13.46 -2.75 -6.08
CA SER A 81 12.41 -1.89 -5.53
C SER A 81 11.55 -2.58 -4.47
N ASN A 82 11.49 -3.90 -4.45
CA ASN A 82 10.71 -4.65 -3.46
C ASN A 82 11.51 -5.09 -2.24
N ALA A 83 12.79 -4.68 -2.14
CA ALA A 83 13.61 -5.09 -1.01
C ALA A 83 12.97 -4.80 0.35
N GLY A 84 12.94 -5.82 1.19
CA GLY A 84 12.26 -5.71 2.48
C GLY A 84 10.84 -6.27 2.44
N LEU A 85 10.18 -6.41 1.29
CA LEU A 85 8.84 -6.98 1.24
C LEU A 85 8.76 -8.50 1.45
N GLN A 86 9.91 -9.19 1.41
CA GLN A 86 9.98 -10.62 1.73
C GLN A 86 9.45 -10.88 3.12
N ASN A 87 9.59 -9.92 4.04
CA ASN A 87 9.00 -10.00 5.39
C ASN A 87 7.48 -9.98 5.41
N GLY A 88 6.83 -9.25 4.52
CA GLY A 88 5.38 -9.31 4.43
C GLY A 88 4.96 -10.65 3.79
N PHE A 89 5.64 -11.14 2.76
CA PHE A 89 5.38 -12.46 2.16
C PHE A 89 5.44 -13.65 3.16
N LYS A 90 6.54 -13.71 3.92
CA LYS A 90 6.70 -14.72 4.95
C LYS A 90 5.67 -14.63 6.06
N PHE A 91 5.15 -13.43 6.39
CA PHE A 91 4.03 -13.26 7.31
C PHE A 91 2.75 -13.90 6.75
N LEU A 92 2.46 -13.67 5.47
CA LEU A 92 1.28 -14.21 4.86
C LEU A 92 1.34 -15.68 4.51
N GLU A 93 2.52 -16.27 4.36
CA GLU A 93 2.67 -17.66 3.97
C GLU A 93 2.02 -18.69 4.89
N PRO A 94 2.13 -18.70 6.22
CA PRO A 94 1.21 -19.39 7.11
C PRO A 94 -0.29 -19.32 6.84
N ILE A 95 -0.82 -18.14 6.56
CA ILE A 95 -2.24 -17.97 6.28
C ILE A 95 -2.63 -18.60 4.93
N HIS A 96 -1.74 -18.60 3.93
CA HIS A 96 -2.05 -19.23 2.65
C HIS A 96 -2.05 -20.75 2.80
N LYS A 97 -1.17 -21.27 3.65
CA LYS A 97 -1.19 -22.68 3.95
C LYS A 97 -2.51 -23.09 4.59
N GLU A 98 -3.03 -22.25 5.48
CA GLU A 98 -4.31 -22.47 6.14
C GLU A 98 -5.54 -22.30 5.22
N PHE A 99 -5.51 -21.38 4.25
CA PHE A 99 -6.61 -21.21 3.30
C PHE A 99 -6.07 -21.34 1.88
N PRO A 100 -5.76 -22.58 1.42
CA PRO A 100 -5.03 -22.80 0.19
C PRO A 100 -5.89 -22.50 -1.05
N TRP A 101 -7.19 -22.37 -0.85
CA TRP A 101 -8.13 -21.97 -1.89
C TRP A 101 -8.06 -20.49 -2.34
N ILE A 102 -7.59 -19.52 -1.52
CA ILE A 102 -7.53 -18.13 -2.00
C ILE A 102 -6.37 -17.92 -2.99
N SER A 103 -6.59 -17.19 -4.07
CA SER A 103 -5.50 -16.85 -4.99
C SER A 103 -4.43 -15.92 -4.40
N SER A 104 -3.22 -15.88 -4.95
CA SER A 104 -2.17 -15.01 -4.46
C SER A 104 -2.51 -13.53 -4.56
N GLY A 105 -3.00 -13.03 -5.70
CA GLY A 105 -3.41 -11.62 -5.85
C GLY A 105 -4.40 -11.16 -4.81
N ASP A 106 -5.37 -12.05 -4.56
CA ASP A 106 -6.38 -11.79 -3.52
C ASP A 106 -5.82 -11.77 -2.12
N LEU A 107 -4.94 -12.72 -1.78
CA LEU A 107 -4.35 -12.72 -0.44
C LEU A 107 -3.43 -11.49 -0.20
N PHE A 108 -2.54 -11.13 -1.16
CA PHE A 108 -1.69 -9.94 -1.07
C PHE A 108 -2.55 -8.68 -1.03
N SER A 109 -3.62 -8.53 -1.83
CA SER A 109 -4.43 -7.32 -1.65
C SER A 109 -5.28 -7.22 -0.37
N LEU A 110 -5.85 -8.35 0.11
CA LEU A 110 -6.61 -8.37 1.36
C LEU A 110 -5.70 -8.15 2.57
N GLY A 111 -4.44 -8.57 2.57
CA GLY A 111 -3.47 -8.23 3.62
C GLY A 111 -3.30 -6.72 3.83
N GLY A 112 -3.22 -5.96 2.71
CA GLY A 112 -3.18 -4.50 2.73
C GLY A 112 -4.48 -3.92 3.28
N VAL A 113 -5.64 -4.43 2.85
CA VAL A 113 -6.93 -3.97 3.40
C VAL A 113 -7.06 -4.20 4.90
N THR A 114 -6.64 -5.40 5.32
CA THR A 114 -6.73 -5.80 6.72
C THR A 114 -5.83 -4.96 7.62
N ALA A 115 -4.59 -4.72 7.21
CA ALA A 115 -3.64 -3.87 7.93
C ALA A 115 -4.14 -2.45 8.16
N VAL A 116 -4.67 -1.79 7.13
CA VAL A 116 -5.24 -0.44 7.24
C VAL A 116 -6.42 -0.36 8.21
N GLN A 117 -7.40 -1.24 8.07
CA GLN A 117 -8.53 -1.25 9.01
C GLN A 117 -8.13 -1.64 10.44
N GLU A 118 -7.24 -2.61 10.61
CA GLU A 118 -6.80 -2.96 11.94
C GLU A 118 -5.93 -1.88 12.58
N MET A 119 -5.22 -1.03 11.80
CA MET A 119 -4.49 0.11 12.35
C MET A 119 -5.38 1.33 12.46
N GLN A 120 -6.70 1.14 12.55
CA GLN A 120 -7.78 2.11 12.56
C GLN A 120 -7.98 3.17 11.52
N GLY A 121 -7.64 2.70 10.33
CA GLY A 121 -7.87 3.44 9.13
C GLY A 121 -9.32 3.40 8.75
N PRO A 122 -9.68 3.96 7.59
CA PRO A 122 -11.04 3.85 7.08
C PRO A 122 -11.36 2.41 6.59
N LYS A 123 -12.63 2.01 6.50
CA LYS A 123 -12.99 0.73 5.87
C LYS A 123 -12.59 0.71 4.39
N ILE A 124 -11.97 -0.31 3.81
CA ILE A 124 -11.71 -0.32 2.36
C ILE A 124 -12.63 -1.39 1.70
N PRO A 125 -13.69 -1.12 0.93
CA PRO A 125 -14.38 -2.11 0.10
C PRO A 125 -13.40 -2.95 -0.68
N TRP A 126 -13.51 -4.28 -0.63
CA TRP A 126 -12.63 -5.19 -1.34
C TRP A 126 -13.45 -6.21 -2.14
N ARG A 127 -12.95 -6.50 -3.32
CA ARG A 127 -13.61 -7.42 -4.21
C ARG A 127 -12.76 -8.65 -4.50
N CYS A 128 -13.36 -9.87 -4.50
CA CYS A 128 -12.63 -11.08 -4.82
C CYS A 128 -12.51 -11.53 -6.25
N GLY A 129 -11.61 -12.46 -6.58
CA GLY A 129 -11.66 -12.91 -7.96
C GLY A 129 -10.42 -12.81 -8.80
N ARG A 130 -9.34 -12.34 -8.23
CA ARG A 130 -8.05 -12.35 -8.91
C ARG A 130 -7.67 -13.79 -9.15
N VAL A 131 -6.99 -14.09 -10.24
CA VAL A 131 -6.64 -15.42 -10.64
C VAL A 131 -5.14 -15.53 -10.88
N ASP A 132 -4.43 -16.49 -10.28
CA ASP A 132 -3.03 -16.63 -10.58
C ASP A 132 -2.70 -16.89 -12.04
N THR A 133 -1.69 -16.19 -12.53
CA THR A 133 -1.31 -16.31 -13.93
C THR A 133 0.13 -16.81 -14.04
N PRO A 134 0.63 -17.31 -15.18
CA PRO A 134 1.93 -18.01 -15.30
C PRO A 134 3.16 -17.16 -15.11
N GLU A 135 4.33 -17.72 -14.76
CA GLU A 135 5.55 -16.93 -14.60
C GLU A 135 5.89 -15.97 -15.74
N ASP A 136 5.53 -16.32 -16.96
CA ASP A 136 5.75 -15.48 -18.14
C ASP A 136 4.92 -14.20 -18.20
N THR A 137 3.86 -14.11 -17.38
CA THR A 137 3.06 -12.89 -17.25
C THR A 137 3.66 -11.87 -16.24
N THR A 138 4.69 -12.30 -15.48
CA THR A 138 5.40 -11.44 -14.54
C THR A 138 5.95 -10.17 -15.18
N PRO A 139 5.56 -8.96 -14.78
CA PRO A 139 6.11 -7.73 -15.33
C PRO A 139 7.61 -7.59 -15.06
N ASP A 140 8.34 -6.97 -15.98
CA ASP A 140 9.76 -6.69 -15.70
C ASP A 140 10.04 -5.66 -14.60
N ASN A 141 11.16 -5.80 -13.90
CA ASN A 141 11.65 -4.78 -13.00
C ASN A 141 11.66 -3.35 -13.54
N GLY A 142 11.56 -2.35 -12.68
CA GLY A 142 11.60 -0.97 -13.13
C GLY A 142 10.27 -0.24 -13.34
N ARG A 143 9.15 -0.78 -12.83
CA ARG A 143 7.86 -0.08 -13.00
C ARG A 143 7.41 0.70 -11.79
N LEU A 144 8.14 0.49 -10.72
CA LEU A 144 7.88 1.19 -9.47
C LEU A 144 8.72 2.49 -9.30
N PRO A 145 8.26 3.51 -8.57
CA PRO A 145 8.84 4.85 -8.64
C PRO A 145 10.14 5.06 -7.86
N ASP A 146 11.00 5.94 -8.36
CA ASP A 146 12.17 6.35 -7.60
C ASP A 146 11.83 7.36 -6.51
N ALA A 147 12.58 7.43 -5.42
CA ALA A 147 12.32 8.34 -4.32
C ALA A 147 13.02 9.70 -4.35
N ASP A 148 14.06 9.74 -5.13
CA ASP A 148 14.91 10.90 -5.25
C ASP A 148 14.46 11.88 -6.31
N LYS A 149 13.19 12.00 -6.61
CA LYS A 149 12.81 12.85 -7.71
C LYS A 149 11.88 13.96 -7.26
N ASP A 150 11.31 14.72 -8.18
CA ASP A 150 10.47 15.87 -7.83
C ASP A 150 8.99 15.72 -8.17
N ALA A 151 8.18 16.74 -7.88
CA ALA A 151 6.74 16.73 -8.18
C ALA A 151 6.30 16.41 -9.61
N GLY A 152 7.01 16.90 -10.62
CA GLY A 152 6.67 16.59 -12.01
C GLY A 152 6.85 15.09 -12.31
N TYR A 153 7.88 14.48 -11.71
CA TYR A 153 8.12 13.06 -11.83
C TYR A 153 6.98 12.25 -11.18
N VAL A 154 6.62 12.54 -9.94
CA VAL A 154 5.47 11.91 -9.28
C VAL A 154 4.19 12.07 -10.10
N ARG A 155 3.86 13.25 -10.64
CA ARG A 155 2.63 13.43 -11.40
C ARG A 155 2.62 12.59 -12.64
N THR A 156 3.75 12.58 -13.33
CA THR A 156 3.93 11.84 -14.57
C THR A 156 3.91 10.35 -14.33
N PHE A 157 4.69 9.86 -13.36
CA PHE A 157 4.66 8.43 -13.02
C PHE A 157 3.23 7.94 -12.73
N PHE A 158 2.46 8.65 -11.91
CA PHE A 158 1.12 8.19 -11.54
C PHE A 158 0.04 8.30 -12.61
N GLN A 159 0.31 9.04 -13.67
CA GLN A 159 -0.58 9.03 -14.83
C GLN A 159 -0.60 7.63 -15.48
N ARG A 160 0.51 6.86 -15.40
CA ARG A 160 0.54 5.51 -15.93
C ARG A 160 -0.45 4.55 -15.22
N LEU A 161 -0.76 4.81 -13.94
CA LEU A 161 -1.74 4.05 -13.14
C LEU A 161 -3.07 4.80 -13.06
N ASN A 162 -3.34 5.64 -14.08
CA ASN A 162 -4.23 6.80 -13.92
C ASN A 162 -5.01 7.22 -12.69
N MET A 163 -4.07 7.74 -11.94
CA MET A 163 -4.34 8.47 -10.71
C MET A 163 -4.11 9.98 -11.00
N ASN A 164 -5.04 10.80 -10.53
CA ASN A 164 -4.93 12.23 -10.71
C ASN A 164 -4.29 12.87 -9.47
N ASP A 165 -4.22 14.21 -9.37
CA ASP A 165 -3.47 14.83 -8.27
C ASP A 165 -4.02 14.54 -6.90
N ARG A 166 -5.34 14.57 -6.85
CA ARG A 166 -6.04 14.30 -5.61
C ARG A 166 -5.81 12.87 -5.07
N GLU A 167 -5.92 11.91 -6.00
CA GLU A 167 -5.69 10.52 -5.73
C GLU A 167 -4.26 10.27 -5.30
N VAL A 168 -3.28 10.84 -6.01
CA VAL A 168 -1.86 10.74 -5.61
C VAL A 168 -1.60 11.29 -4.20
N VAL A 169 -2.12 12.47 -3.86
CA VAL A 169 -1.88 13.06 -2.53
C VAL A 169 -2.56 12.23 -1.43
N ALA A 170 -3.80 11.76 -1.67
CA ALA A 170 -4.48 10.87 -0.74
C ALA A 170 -3.69 9.57 -0.55
N LEU A 171 -3.29 8.87 -1.60
CA LEU A 171 -2.39 7.72 -1.48
C LEU A 171 -1.09 7.95 -0.70
N MET A 172 -0.34 9.04 -0.92
CA MET A 172 0.91 9.32 -0.20
C MET A 172 0.79 9.47 1.32
N GLY A 173 -0.38 9.79 1.87
CA GLY A 173 -0.67 9.86 3.30
C GLY A 173 -0.35 8.56 4.04
N ALA A 174 -0.31 7.42 3.33
CA ALA A 174 0.17 6.13 3.84
C ALA A 174 1.65 6.13 4.28
N HIS A 175 2.46 7.07 3.78
CA HIS A 175 3.81 7.24 4.28
C HIS A 175 3.88 7.75 5.71
N ALA A 176 2.79 8.10 6.40
CA ALA A 176 2.83 8.27 7.87
C ALA A 176 3.13 6.97 8.61
N LEU A 177 2.87 5.83 7.97
CA LEU A 177 3.05 4.49 8.49
C LEU A 177 4.44 3.93 8.36
N GLY A 178 4.94 3.20 9.36
CA GLY A 178 6.21 2.50 9.28
C GLY A 178 7.43 3.39 9.20
N LYS A 179 8.40 3.03 8.39
CA LYS A 179 9.60 3.85 8.29
C LYS A 179 10.45 3.45 7.10
N THR A 180 11.42 4.26 6.73
CA THR A 180 12.37 3.82 5.73
C THR A 180 13.54 3.15 6.46
N HIS A 181 14.09 2.15 5.80
CA HIS A 181 15.14 1.30 6.37
C HIS A 181 16.31 1.43 5.43
N LEU A 182 17.45 1.95 5.91
CA LEU A 182 18.62 2.19 5.04
C LEU A 182 19.07 0.98 4.22
N LYS A 183 19.09 -0.21 4.82
CA LYS A 183 19.54 -1.38 4.07
C LYS A 183 18.53 -1.85 3.01
N ASN A 184 17.27 -1.41 3.03
CA ASN A 184 16.34 -1.74 1.95
C ASN A 184 16.33 -0.72 0.82
N SER A 185 16.28 0.56 1.19
CA SER A 185 16.16 1.64 0.22
C SER A 185 17.22 2.74 0.15
N GLY A 186 18.17 2.79 1.09
CA GLY A 186 19.15 3.88 1.12
C GLY A 186 18.59 5.14 1.75
N TYR A 187 17.45 5.02 2.46
CA TYR A 187 16.85 6.10 3.22
C TYR A 187 16.61 5.64 4.63
N GLU A 188 16.65 6.50 5.63
CA GLU A 188 16.46 6.06 7.00
C GLU A 188 15.62 6.97 7.90
N GLY A 189 14.69 6.37 8.65
CA GLY A 189 13.90 7.09 9.62
C GLY A 189 12.37 6.99 9.47
N PRO A 190 11.59 7.34 10.48
CA PRO A 190 10.14 7.42 10.42
C PRO A 190 9.67 8.80 10.05
N GLY A 191 8.41 8.97 9.68
CA GLY A 191 7.88 10.26 9.27
C GLY A 191 7.02 10.90 10.33
N GLY A 192 6.94 10.30 11.51
CA GLY A 192 6.03 10.81 12.50
C GLY A 192 6.07 9.97 13.76
N ALA A 193 5.33 10.40 14.77
CA ALA A 193 5.26 9.68 16.02
C ALA A 193 4.31 8.50 15.99
N ALA A 194 3.11 8.60 15.40
CA ALA A 194 2.16 7.50 15.32
C ALA A 194 2.41 6.69 14.05
N ASN A 195 3.45 5.87 14.03
CA ASN A 195 3.66 5.16 12.77
C ASN A 195 3.12 3.72 12.60
N ASN A 196 2.20 3.32 13.48
CA ASN A 196 1.42 2.11 13.23
C ASN A 196 -0.05 2.33 13.61
N VAL A 197 -0.48 3.58 13.60
CA VAL A 197 -1.89 3.92 13.73
C VAL A 197 -2.18 4.74 12.48
N PHE A 198 -3.22 4.50 11.69
CA PHE A 198 -3.54 5.27 10.49
C PHE A 198 -4.15 6.65 10.83
N THR A 199 -3.44 7.76 10.60
CA THR A 199 -3.95 9.13 10.84
C THR A 199 -3.61 10.10 9.70
N ASN A 200 -4.02 11.38 9.67
CA ASN A 200 -3.51 12.31 8.66
C ASN A 200 -2.22 13.08 9.04
N GLU A 201 -1.46 12.57 10.01
CA GLU A 201 -0.16 13.12 10.46
C GLU A 201 0.90 13.36 9.39
N PHE A 202 0.95 12.62 8.29
CA PHE A 202 1.89 12.91 7.22
C PHE A 202 1.71 14.35 6.72
N TYR A 203 0.47 14.78 6.57
CA TYR A 203 0.17 16.11 6.07
C TYR A 203 0.48 17.19 7.12
N LEU A 204 0.12 16.90 8.36
CA LEU A 204 0.44 17.80 9.47
C LEU A 204 1.94 18.02 9.66
N ASN A 205 2.75 16.96 9.61
CA ASN A 205 4.20 17.06 9.75
C ASN A 205 4.87 17.76 8.58
N LEU A 206 4.41 17.50 7.38
CA LEU A 206 4.91 18.16 6.19
C LEU A 206 4.75 19.69 6.32
N LEU A 207 3.57 20.16 6.72
CA LEU A 207 3.32 21.58 6.90
C LEU A 207 3.86 22.17 8.21
N ASN A 208 3.98 21.44 9.31
CA ASN A 208 4.41 22.04 10.56
C ASN A 208 5.83 21.81 11.03
N GLU A 209 6.58 20.89 10.47
CA GLU A 209 7.92 20.69 10.92
C GLU A 209 8.89 21.57 10.16
N ASP A 210 10.03 21.69 10.81
CA ASP A 210 11.16 22.46 10.29
C ASP A 210 12.05 21.51 9.53
N TRP A 211 11.90 21.40 8.22
CA TRP A 211 12.70 20.44 7.48
C TRP A 211 14.07 20.90 7.02
N LYS A 212 15.06 20.03 7.11
CA LYS A 212 16.44 20.31 6.75
C LYS A 212 16.97 19.33 5.73
N LEU A 213 17.42 19.72 4.54
CA LEU A 213 17.96 18.77 3.57
C LEU A 213 19.34 18.25 4.02
N GLU A 214 19.43 16.98 4.44
CA GLU A 214 20.70 16.39 4.81
C GLU A 214 21.15 15.15 4.04
N LYS A 215 22.36 14.67 4.20
CA LYS A 215 22.77 13.46 3.50
C LYS A 215 22.88 12.36 4.52
N ASN A 216 22.27 11.22 4.22
CA ASN A 216 22.29 10.06 5.10
C ASN A 216 23.50 9.11 4.89
N ASP A 217 23.69 8.06 5.70
CA ASP A 217 24.84 7.17 5.54
C ASP A 217 24.98 6.38 4.26
N ALA A 218 23.91 6.28 3.50
CA ALA A 218 23.93 5.65 2.18
C ALA A 218 24.24 6.67 1.08
N ASN A 219 24.54 7.91 1.52
CA ASN A 219 24.88 9.08 0.71
C ASN A 219 23.77 9.65 -0.14
N ASN A 220 22.56 9.43 0.36
CA ASN A 220 21.38 9.96 -0.29
C ASN A 220 20.86 11.16 0.45
N GLU A 221 20.33 12.13 -0.26
CA GLU A 221 19.67 13.24 0.41
C GLU A 221 18.24 12.94 0.84
N GLN A 222 17.91 13.41 2.02
CA GLN A 222 16.56 13.34 2.56
C GLN A 222 16.25 14.54 3.45
N TRP A 223 14.97 14.87 3.60
CA TRP A 223 14.56 15.96 4.46
C TRP A 223 14.39 15.54 5.91
N ASP A 224 15.20 16.11 6.80
CA ASP A 224 15.19 15.77 8.22
C ASP A 224 14.69 16.84 9.17
N SER A 225 14.02 16.48 10.24
CA SER A 225 13.52 17.46 11.19
C SER A 225 14.11 17.28 12.57
N LYS A 226 14.07 18.36 13.35
CA LYS A 226 14.55 18.35 14.77
C LYS A 226 13.90 17.27 15.63
N SER A 227 12.64 16.97 15.35
CA SER A 227 11.90 15.94 16.06
C SER A 227 12.35 14.53 15.81
N GLY A 228 13.26 14.29 14.88
CA GLY A 228 13.68 12.92 14.54
C GLY A 228 12.92 12.27 13.36
N TYR A 229 12.12 13.06 12.63
CA TYR A 229 11.37 12.56 11.49
C TYR A 229 12.12 12.83 10.21
N MET A 230 11.74 12.14 9.15
CA MET A 230 12.36 12.32 7.87
C MET A 230 11.31 12.28 6.79
N MET A 231 11.57 12.91 5.65
CA MET A 231 10.70 12.86 4.50
C MET A 231 11.59 12.56 3.30
N LEU A 232 11.07 11.77 2.36
CA LEU A 232 11.80 11.47 1.12
C LEU A 232 11.73 12.69 0.17
N PRO A 233 12.62 12.88 -0.82
CA PRO A 233 12.51 13.95 -1.81
C PRO A 233 11.16 13.98 -2.48
N THR A 234 10.65 12.82 -2.95
CA THR A 234 9.29 12.77 -3.52
C THR A 234 8.20 13.07 -2.54
N ASP A 235 8.39 12.86 -1.23
CA ASP A 235 7.40 13.28 -0.23
C ASP A 235 7.29 14.78 0.00
N TYR A 236 8.47 15.40 0.10
CA TYR A 236 8.59 16.85 0.28
C TYR A 236 8.09 17.64 -0.94
N SER A 237 8.21 16.99 -2.12
CA SER A 237 7.61 17.44 -3.38
C SER A 237 6.19 17.95 -3.32
N LEU A 238 5.41 17.35 -2.42
CA LEU A 238 4.00 17.70 -2.30
C LEU A 238 3.77 19.09 -1.74
N ILE A 239 4.72 19.65 -0.96
CA ILE A 239 4.53 21.03 -0.56
C ILE A 239 5.27 21.98 -1.52
N GLN A 240 6.12 21.48 -2.42
CA GLN A 240 6.76 22.31 -3.44
C GLN A 240 5.87 22.65 -4.64
N ASP A 241 4.88 21.84 -4.94
CA ASP A 241 4.04 22.08 -6.10
C ASP A 241 2.77 22.79 -5.65
N PRO A 242 2.26 23.86 -6.25
CA PRO A 242 1.04 24.54 -5.81
C PRO A 242 -0.25 23.73 -5.87
N LYS A 243 -0.50 22.89 -6.89
CA LYS A 243 -1.72 22.04 -6.93
C LYS A 243 -1.72 21.01 -5.77
N TYR A 244 -0.60 20.27 -5.64
CA TYR A 244 -0.42 19.34 -4.53
C TYR A 244 -0.48 19.99 -3.17
N LEU A 245 0.25 21.10 -2.97
CA LEU A 245 0.21 21.80 -1.69
C LEU A 245 -1.20 22.18 -1.28
N SER A 246 -2.10 22.69 -2.12
CA SER A 246 -3.43 22.96 -1.56
C SER A 246 -4.25 21.71 -1.24
N ILE A 247 -4.01 20.52 -1.81
CA ILE A 247 -4.72 19.33 -1.33
C ILE A 247 -4.11 18.86 0.01
N VAL A 248 -2.78 18.91 0.21
CA VAL A 248 -2.11 18.66 1.51
C VAL A 248 -2.75 19.45 2.64
N LYS A 249 -2.95 20.75 2.41
CA LYS A 249 -3.63 21.58 3.39
C LYS A 249 -5.07 21.15 3.68
N GLU A 250 -5.78 20.70 2.65
CA GLU A 250 -7.13 20.20 2.82
C GLU A 250 -7.15 18.95 3.73
N TYR A 251 -6.22 18.02 3.52
CA TYR A 251 -6.16 16.84 4.37
C TYR A 251 -5.53 17.06 5.75
N ALA A 252 -4.65 18.06 5.95
CA ALA A 252 -4.22 18.39 7.29
C ALA A 252 -5.34 19.09 8.04
N ASN A 253 -6.28 19.77 7.36
CA ASN A 253 -7.43 20.36 8.03
C ASN A 253 -8.72 19.56 8.15
N ASP A 254 -8.75 18.33 7.61
CA ASP A 254 -9.96 17.50 7.64
C ASP A 254 -9.60 16.00 7.56
N GLN A 255 -9.44 15.33 8.70
CA GLN A 255 -9.11 13.91 8.69
C GLN A 255 -10.16 12.94 8.09
N ASP A 256 -11.46 13.24 8.23
CA ASP A 256 -12.53 12.49 7.61
C ASP A 256 -12.51 12.50 6.06
N LYS A 257 -12.31 13.67 5.42
CA LYS A 257 -12.11 13.79 3.97
C LYS A 257 -10.88 12.98 3.56
N PHE A 258 -9.72 13.12 4.24
CA PHE A 258 -8.58 12.25 3.99
C PHE A 258 -8.97 10.74 4.01
N PHE A 259 -9.55 10.24 5.09
CA PHE A 259 -9.99 8.86 5.18
C PHE A 259 -10.92 8.42 4.02
N LYS A 260 -11.91 9.23 3.68
CA LYS A 260 -12.82 8.96 2.57
C LYS A 260 -12.15 8.89 1.20
N ASP A 261 -11.24 9.84 0.92
CA ASP A 261 -10.49 9.82 -0.32
C ASP A 261 -9.41 8.76 -0.39
N PHE A 262 -8.78 8.41 0.72
CA PHE A 262 -7.79 7.33 0.72
C PHE A 262 -8.44 5.98 0.34
N SER A 263 -9.59 5.73 0.99
CA SER A 263 -10.41 4.53 0.80
C SER A 263 -10.77 4.29 -0.66
N LYS A 264 -11.30 5.34 -1.33
CA LYS A 264 -11.53 5.25 -2.77
C LYS A 264 -10.29 5.06 -3.63
N ALA A 265 -9.18 5.76 -3.38
CA ALA A 265 -8.00 5.59 -4.21
C ALA A 265 -7.23 4.31 -3.96
N PHE A 266 -7.24 3.76 -2.74
CA PHE A 266 -6.60 2.47 -2.44
C PHE A 266 -7.43 1.31 -3.06
N GLU A 267 -8.76 1.34 -3.02
CA GLU A 267 -9.57 0.32 -3.68
C GLU A 267 -9.30 0.38 -5.18
N LYS A 268 -9.34 1.59 -5.77
CA LYS A 268 -9.07 1.76 -7.19
C LYS A 268 -7.70 1.23 -7.55
N LEU A 269 -6.69 1.52 -6.72
CA LEU A 269 -5.33 1.00 -6.90
C LEU A 269 -5.29 -0.53 -7.03
N LEU A 270 -6.03 -1.15 -6.09
CA LEU A 270 -6.06 -2.60 -5.94
C LEU A 270 -6.87 -3.30 -7.03
N GLU A 271 -7.78 -2.57 -7.65
CA GLU A 271 -8.65 -3.06 -8.72
C GLU A 271 -8.26 -2.75 -10.14
N ASP A 272 -7.30 -1.84 -10.36
CA ASP A 272 -6.84 -1.51 -11.71
C ASP A 272 -6.47 -2.77 -12.54
N GLY A 273 -7.03 -2.82 -13.76
CA GLY A 273 -6.77 -3.94 -14.67
C GLY A 273 -7.79 -5.08 -14.66
N ILE A 274 -8.59 -5.16 -13.63
CA ILE A 274 -9.57 -6.22 -13.47
C ILE A 274 -10.97 -5.83 -13.96
N THR A 275 -11.48 -6.74 -14.79
CA THR A 275 -12.86 -6.67 -15.29
C THR A 275 -13.73 -7.52 -14.39
N PHE A 276 -14.71 -6.91 -13.76
CA PHE A 276 -15.66 -7.63 -12.92
C PHE A 276 -16.97 -7.82 -13.71
N PRO A 277 -17.40 -9.04 -14.09
CA PRO A 277 -18.72 -9.35 -14.69
C PRO A 277 -19.96 -8.81 -13.96
N LYS A 278 -21.11 -8.42 -14.55
CA LYS A 278 -22.17 -7.84 -13.71
C LYS A 278 -22.88 -8.77 -12.72
N ASP A 279 -22.69 -10.06 -12.88
CA ASP A 279 -23.19 -11.03 -11.90
C ASP A 279 -22.17 -11.32 -10.79
N ALA A 280 -21.03 -10.62 -10.80
CA ALA A 280 -20.04 -10.79 -9.75
C ALA A 280 -20.61 -10.21 -8.44
N PRO A 281 -20.26 -10.71 -7.23
CA PRO A 281 -20.74 -10.12 -5.99
C PRO A 281 -20.27 -8.68 -5.76
N SER A 282 -21.08 -7.95 -5.01
CA SER A 282 -20.67 -6.64 -4.54
C SER A 282 -19.35 -6.64 -3.78
N PRO A 283 -18.70 -5.49 -3.63
CA PRO A 283 -17.54 -5.37 -2.76
C PRO A 283 -17.89 -5.72 -1.33
N PHE A 284 -17.02 -6.47 -0.68
CA PHE A 284 -17.19 -6.79 0.73
C PHE A 284 -16.67 -5.68 1.65
N ILE A 285 -17.36 -5.37 2.73
CA ILE A 285 -16.85 -4.47 3.77
C ILE A 285 -16.58 -5.40 4.97
N PHE A 286 -15.35 -5.72 5.33
CA PHE A 286 -15.07 -6.58 6.48
C PHE A 286 -15.08 -5.91 7.82
N LYS A 287 -15.65 -6.60 8.79
CA LYS A 287 -15.61 -6.11 10.15
C LYS A 287 -14.25 -6.27 10.78
N THR A 288 -13.88 -5.35 11.64
CA THR A 288 -12.61 -5.50 12.34
C THR A 288 -12.70 -6.49 13.54
N LEU A 289 -11.60 -7.02 14.08
CA LEU A 289 -11.69 -7.84 15.30
C LEU A 289 -12.43 -7.13 16.44
N GLU A 290 -12.15 -5.84 16.55
CA GLU A 290 -12.80 -4.98 17.54
C GLU A 290 -14.30 -4.91 17.33
N GLU A 291 -14.80 -4.72 16.12
CA GLU A 291 -16.25 -4.70 15.94
C GLU A 291 -16.90 -6.08 16.17
N GLN A 292 -16.09 -7.13 16.06
CA GLN A 292 -16.50 -8.49 16.33
C GLN A 292 -16.34 -8.93 17.77
N GLY A 293 -15.70 -8.12 18.62
CA GLY A 293 -15.40 -8.48 20.00
C GLY A 293 -14.37 -9.61 20.11
N LEU A 294 -13.58 -9.80 19.07
CA LEU A 294 -12.56 -10.83 19.01
C LEU A 294 -11.18 -10.41 19.48
CHA HEM B . 7.94 2.79 2.36
CHB HEM B . 8.96 5.05 -1.71
CHC HEM B . 4.30 5.65 -2.57
CHD HEM B . 3.31 2.94 1.25
C1A HEM B . 8.70 3.42 1.35
C2A HEM B . 10.09 3.42 1.25
C3A HEM B . 10.37 4.08 0.06
C4A HEM B . 9.14 4.42 -0.47
CMA HEM B . 11.72 4.35 -0.53
CAA HEM B . 11.08 2.80 2.23
CBA HEM B . 11.25 1.30 2.06
CGA HEM B . 12.17 0.72 3.10
O1A HEM B . 13.29 1.15 3.26
O2A HEM B . 11.80 -0.19 3.81
C1B HEM B . 7.78 5.42 -2.34
C2B HEM B . 7.75 6.17 -3.50
C3B HEM B . 6.38 6.44 -3.71
C4B HEM B . 5.70 5.75 -2.71
CMB HEM B . 9.01 6.63 -4.22
CAB HEM B . 5.73 7.24 -4.66
CBB HEM B . 6.34 8.13 -5.63
C1C HEM B . 3.58 4.86 -1.65
C2C HEM B . 2.20 4.69 -1.68
C3C HEM B . 1.93 3.78 -0.62
C4C HEM B . 3.15 3.60 0.03
CMC HEM B . 1.29 5.23 -2.80
CAC HEM B . 0.75 3.17 -0.17
CBC HEM B . -0.63 3.48 -0.54
C1D HEM B . 4.47 2.74 2.02
C2D HEM B . 4.52 2.23 3.31
C3D HEM B . 5.87 2.18 3.64
C4D HEM B . 6.55 2.68 2.52
CMD HEM B . 3.34 1.85 4.21
CAD HEM B . 6.47 1.70 4.95
CBD HEM B . 7.06 0.32 4.85
CGD HEM B . 7.69 -0.22 6.14
O1D HEM B . 8.41 -1.21 6.08
O2D HEM B . 7.49 0.32 7.21
NA HEM B . 8.15 4.10 0.33
NB HEM B . 6.56 5.16 -1.88
NC HEM B . 4.14 4.14 -0.67
ND HEM B . 5.70 3.09 1.60
FE HEM B . 6.14 4.12 -0.14
C1 3MT C . 8.38 9.38 5.16
N7 3MT C . 8.22 7.93 4.92
C5 3MT C . 7.82 7.05 5.92
C11 3MT C . 7.75 5.76 5.48
S10 3MT C . 8.17 5.66 3.80
C8 3MT C . 8.43 7.33 3.75
H11A 3MT C . 8.70 9.85 4.23
H12 3MT C . 7.41 9.79 5.47
H13 3MT C . 9.12 9.54 5.93
H5 3MT C . 7.62 7.43 6.91
H11 3MT C . 7.46 4.89 6.04
H8 3MT C . 8.75 7.87 2.87
#